data_3M5O
#
_entry.id   3M5O
#
_cell.length_a   47.272
_cell.length_b   58.885
_cell.length_c   67.058
_cell.angle_alpha   90.000
_cell.angle_beta   99.220
_cell.angle_gamma   90.000
#
_symmetry.space_group_name_H-M   'P 1 21 1'
#
loop_
_entity.id
_entity.type
_entity.pdbx_description
1 polymer NS3/4A
2 polymer 'TEDVVCC peptide'
3 non-polymer 'SULFATE ION'
4 non-polymer 'ZINC ION'
5 water water
#
loop_
_entity_poly.entity_id
_entity_poly.type
_entity_poly.pdbx_seq_one_letter_code
_entity_poly.pdbx_strand_id
1 'polypeptide(L)'
;GSHMASMKKKGSVVIVGRINLSGDTAYAQQTRGEEGCQETSQTGRDKNQVEGEVQIVSTATQTFLATSINGVLWTVYHGA
GTRTIASPKGPVTQMYTNVDKDLVGWQAPQGSRSLTPCTCGSSDLYLVTRHADVIPVRRRGDSRGSLLSPRPISYLKGSA
GGPLLCPAGHAVGIFRAAVSTRGVAKAVDFIPVESLETTMRSP
;
A,B
2 'polypeptide(L)' (ACE)TEDVVCC C,D
#
# COMPACT_ATOMS: atom_id res chain seq x y z
N HIS A 3 -47.63 11.13 -0.65
CA HIS A 3 -46.83 10.80 0.56
C HIS A 3 -45.75 9.76 0.22
N MET A 4 -46.12 8.72 -0.51
CA MET A 4 -45.18 7.68 -0.91
C MET A 4 -44.20 8.10 -2.01
N ALA A 5 -44.62 8.99 -2.91
CA ALA A 5 -43.69 9.53 -3.91
C ALA A 5 -42.60 10.37 -3.24
N SER A 6 -42.98 11.05 -2.15
CA SER A 6 -42.04 11.86 -1.39
C SER A 6 -41.06 11.01 -0.58
N MET A 7 -41.39 9.73 -0.37
CA MET A 7 -40.57 8.81 0.43
C MET A 7 -39.32 8.34 -0.33
N LYS A 8 -38.15 8.69 0.18
CA LYS A 8 -36.88 8.34 -0.43
C LYS A 8 -36.12 7.38 0.47
N LYS A 9 -35.18 6.65 -0.13
CA LYS A 9 -34.32 5.78 0.62
C LYS A 9 -33.17 6.56 1.25
N LYS A 10 -32.66 6.01 2.33
CA LYS A 10 -31.48 6.52 3.00
C LYS A 10 -30.29 6.42 2.05
N GLY A 11 -29.33 7.32 2.19
CA GLY A 11 -28.15 7.32 1.34
C GLY A 11 -27.22 6.17 1.61
N SER A 12 -26.26 5.96 0.73
CA SER A 12 -25.19 5.01 0.96
C SER A 12 -24.13 5.64 1.85
N VAL A 13 -23.41 4.79 2.56
CA VAL A 13 -22.12 5.17 3.14
C VAL A 13 -21.17 5.50 1.97
N VAL A 14 -20.33 6.52 2.15
CA VAL A 14 -19.41 6.98 1.10
C VAL A 14 -18.00 7.02 1.67
N ILE A 15 -17.07 6.42 0.95
CA ILE A 15 -15.65 6.58 1.30
C ILE A 15 -15.20 7.97 0.89
N VAL A 16 -14.74 8.74 1.88
CA VAL A 16 -14.33 10.14 1.66
C VAL A 16 -12.84 10.37 1.93
N GLY A 17 -12.11 9.32 2.32
CA GLY A 17 -10.69 9.49 2.58
C GLY A 17 -10.12 8.21 3.12
N ARG A 18 -8.86 8.28 3.57
CA ARG A 18 -8.24 7.10 4.12
C ARG A 18 -7.21 7.50 5.16
N ILE A 19 -6.85 6.56 6.02
CA ILE A 19 -5.73 6.76 6.94
C ILE A 19 -4.58 5.94 6.37
N ASN A 20 -3.54 6.66 5.97
CA ASN A 20 -2.39 6.05 5.33
C ASN A 20 -1.47 5.58 6.42
N LEU A 21 -1.12 4.29 6.42
CA LEU A 21 -0.25 3.67 7.42
C LEU A 21 0.93 2.93 6.81
N SER A 22 1.09 2.99 5.49
CA SER A 22 2.10 2.19 4.79
C SER A 22 3.44 2.90 4.66
N GLY A 23 3.54 4.13 5.17
CA GLY A 23 4.81 4.84 5.20
C GLY A 23 5.51 4.63 6.53
N ASP A 24 6.45 5.53 6.84
CA ASP A 24 6.98 5.65 8.20
C ASP A 24 6.11 6.66 9.00
N THR A 25 5.13 7.24 8.32
CA THR A 25 4.28 8.27 8.91
C THR A 25 2.81 7.87 8.74
N ALA A 26 2.01 8.14 9.77
CA ALA A 26 0.56 7.98 9.68
C ALA A 26 -0.06 9.33 9.35
N TYR A 27 -0.95 9.37 8.37
CA TYR A 27 -1.64 10.62 8.02
C TYR A 27 -2.96 10.38 7.34
N ALA A 28 -3.90 11.28 7.59
CA ALA A 28 -5.21 11.23 6.97
C ALA A 28 -5.15 11.90 5.61
N GLN A 29 -5.87 11.33 4.65
CA GLN A 29 -6.00 11.89 3.31
C GLN A 29 -7.47 12.02 2.98
N GLN A 30 -7.88 13.19 2.50
CA GLN A 30 -9.26 13.34 2.03
C GLN A 30 -9.29 13.08 0.53
N THR A 31 -10.27 12.29 0.10
CA THR A 31 -10.39 11.90 -1.32
C THR A 31 -11.68 12.38 -1.96
N ARG A 32 -12.61 12.87 -1.15
CA ARG A 32 -13.86 13.45 -1.63
C ARG A 32 -14.28 14.58 -0.71
N GLY A 33 -14.60 15.73 -1.30
CA GLY A 33 -15.16 16.85 -0.56
C GLY A 33 -16.65 16.71 -0.34
N GLU A 34 -17.25 17.69 0.31
CA GLU A 34 -18.63 17.59 0.78
C GLU A 34 -19.63 17.37 -0.35
N GLU A 35 -19.47 18.09 -1.45
CA GLU A 35 -20.44 18.03 -2.53
C GLU A 35 -20.39 16.68 -3.21
N GLY A 36 -19.17 16.21 -3.47
CA GLY A 36 -18.97 14.87 -4.03
C GLY A 36 -19.54 13.78 -3.14
N CYS A 37 -19.34 13.93 -1.84
CA CYS A 37 -19.88 12.97 -0.89
C CYS A 37 -21.41 12.93 -0.94
N GLN A 38 -22.05 14.10 -0.99
CA GLN A 38 -23.51 14.17 -1.04
C GLN A 38 -24.03 13.48 -2.30
N GLU A 39 -23.43 13.80 -3.45
CA GLU A 39 -23.84 13.22 -4.74
C GLU A 39 -23.72 11.70 -4.70
N THR A 40 -22.56 11.25 -4.25
CA THR A 40 -22.22 9.84 -4.22
C THR A 40 -23.12 9.06 -3.25
N SER A 41 -23.54 9.70 -2.16
CA SER A 41 -24.43 9.06 -1.20
CA SER A 41 -24.43 9.06 -1.19
C SER A 41 -25.78 8.76 -1.85
N GLN A 42 -26.19 9.66 -2.74
CA GLN A 42 -27.46 9.49 -3.43
C GLN A 42 -27.43 8.48 -4.55
N THR A 43 -26.40 8.53 -5.39
CA THR A 43 -26.32 7.63 -6.54
C THR A 43 -25.87 6.26 -6.09
N GLY A 44 -25.03 6.20 -5.06
CA GLY A 44 -24.36 4.96 -4.67
C GLY A 44 -23.25 4.57 -5.61
N ARG A 45 -22.87 5.48 -6.51
CA ARG A 45 -21.86 5.21 -7.51
C ARG A 45 -20.59 6.00 -7.20
N ASP A 46 -19.55 5.28 -6.79
CA ASP A 46 -18.26 5.86 -6.44
C ASP A 46 -17.22 5.31 -7.40
N LYS A 47 -16.75 6.17 -8.28
CA LYS A 47 -15.76 5.78 -9.26
C LYS A 47 -14.33 6.04 -8.80
N ASN A 48 -14.14 6.57 -7.58
CA ASN A 48 -12.76 6.75 -7.08
C ASN A 48 -12.14 5.38 -6.90
N GLN A 49 -10.83 5.32 -7.08
CA GLN A 49 -10.11 4.09 -6.79
C GLN A 49 -9.68 4.09 -5.34
N VAL A 50 -10.14 3.07 -4.63
CA VAL A 50 -9.87 2.91 -3.22
C VAL A 50 -8.49 2.31 -3.03
N GLU A 51 -7.81 2.76 -1.98
CA GLU A 51 -6.52 2.25 -1.62
C GLU A 51 -6.45 2.05 -0.12
N GLY A 52 -5.63 1.10 0.29
CA GLY A 52 -5.27 0.93 1.67
C GLY A 52 -6.26 0.13 2.48
N GLU A 53 -6.03 0.16 3.80
CA GLU A 53 -6.72 -0.72 4.74
C GLU A 53 -7.79 -0.01 5.56
N VAL A 54 -7.53 1.24 5.94
CA VAL A 54 -8.44 2.00 6.79
C VAL A 54 -9.02 3.15 5.98
N GLN A 55 -10.34 3.13 5.80
CA GLN A 55 -11.05 4.15 5.08
C GLN A 55 -11.74 5.11 6.04
N ILE A 56 -11.86 6.36 5.61
CA ILE A 56 -12.70 7.34 6.27
C ILE A 56 -14.03 7.35 5.51
N VAL A 57 -15.13 7.19 6.22
CA VAL A 57 -16.44 7.04 5.60
C VAL A 57 -17.45 8.01 6.19
N SER A 58 -18.45 8.36 5.40
CA SER A 58 -19.48 9.31 5.84
C SER A 58 -20.85 8.86 5.47
N THR A 59 -21.79 9.19 6.36
CA THR A 59 -23.21 9.23 6.05
C THR A 59 -23.62 10.70 6.03
N ALA A 60 -24.91 10.96 5.87
CA ALA A 60 -25.37 12.34 5.92
C ALA A 60 -25.16 13.00 7.28
N THR A 61 -25.10 12.20 8.34
CA THR A 61 -25.06 12.72 9.71
C THR A 61 -23.79 12.41 10.50
N GLN A 62 -22.94 11.52 10.00
CA GLN A 62 -21.79 11.08 10.76
C GLN A 62 -20.61 10.83 9.80
N THR A 63 -19.40 11.03 10.30
CA THR A 63 -18.20 10.56 9.63
C THR A 63 -17.42 9.71 10.63
N PHE A 64 -16.89 8.59 10.16
CA PHE A 64 -16.24 7.61 11.01
C PHE A 64 -15.28 6.78 10.15
N LEU A 65 -14.85 5.62 10.62
CA LEU A 65 -13.86 4.84 9.92
C LEU A 65 -14.38 3.48 9.55
N ALA A 66 -13.68 2.82 8.65
CA ALA A 66 -13.95 1.41 8.30
C ALA A 66 -12.63 0.74 7.99
N THR A 67 -12.49 -0.52 8.37
CA THR A 67 -11.21 -1.22 8.29
C THR A 67 -11.37 -2.53 7.57
N SER A 68 -10.51 -2.80 6.60
CA SER A 68 -10.56 -4.08 5.89
CA SER A 68 -10.55 -4.06 5.89
C SER A 68 -9.75 -5.16 6.60
N ILE A 69 -10.39 -6.28 6.87
CA ILE A 69 -9.74 -7.44 7.49
C ILE A 69 -10.33 -8.67 6.83
N ASN A 70 -9.47 -9.59 6.40
CA ASN A 70 -9.95 -10.83 5.75
C ASN A 70 -10.87 -10.59 4.55
N GLY A 71 -10.59 -9.54 3.77
CA GLY A 71 -11.31 -9.25 2.55
C GLY A 71 -12.69 -8.63 2.73
N VAL A 72 -12.99 -8.21 3.95
CA VAL A 72 -14.26 -7.56 4.28
C VAL A 72 -13.94 -6.19 4.88
N LEU A 73 -14.66 -5.17 4.43
CA LEU A 73 -14.56 -3.82 4.98
C LEU A 73 -15.57 -3.72 6.12
N TRP A 74 -15.05 -3.60 7.33
CA TRP A 74 -15.85 -3.63 8.55
C TRP A 74 -16.01 -2.24 9.13
N THR A 75 -17.18 -2.03 9.74
CA THR A 75 -17.38 -0.81 10.52
C THR A 75 -18.45 -1.07 11.58
N VAL A 76 -18.81 0.00 12.28
CA VAL A 76 -19.77 -0.11 13.38
C VAL A 76 -21.22 0.07 12.87
N TYR A 77 -22.11 -0.75 13.42
CA TYR A 77 -23.54 -0.62 13.12
C TYR A 77 -24.07 0.75 13.58
N HIS A 78 -23.57 1.27 14.71
CA HIS A 78 -24.09 2.57 15.21
C HIS A 78 -23.76 3.75 14.29
N GLY A 79 -22.82 3.53 13.36
CA GLY A 79 -22.52 4.50 12.33
C GLY A 79 -23.23 4.23 11.02
N ALA A 80 -23.07 3.01 10.51
CA ALA A 80 -23.52 2.65 9.18
C ALA A 80 -24.99 2.21 9.13
N GLY A 81 -25.52 1.73 10.24
CA GLY A 81 -26.83 1.08 10.21
C GLY A 81 -26.85 -0.04 9.18
N THR A 82 -27.95 -0.15 8.45
CA THR A 82 -28.09 -1.14 7.40
C THR A 82 -27.74 -0.60 6.02
N ARG A 83 -27.04 0.54 5.95
CA ARG A 83 -26.79 1.18 4.66
C ARG A 83 -25.94 0.38 3.70
N THR A 84 -26.25 0.56 2.43
CA THR A 84 -25.34 0.15 1.36
C THR A 84 -24.07 1.03 1.39
N ILE A 85 -23.02 0.57 0.72
CA ILE A 85 -21.85 1.41 0.49
C ILE A 85 -21.72 1.73 -1.01
N ALA A 86 -21.39 2.97 -1.32
CA ALA A 86 -21.21 3.38 -2.70
C ALA A 86 -20.00 2.68 -3.30
N SER A 87 -20.11 2.25 -4.55
CA SER A 87 -19.04 1.51 -5.23
C SER A 87 -19.05 1.86 -6.71
N PRO A 88 -18.04 1.43 -7.47
CA PRO A 88 -17.99 1.75 -8.89
C PRO A 88 -19.20 1.31 -9.71
N LYS A 89 -19.83 0.20 -9.33
CA LYS A 89 -20.94 -0.35 -10.08
C LYS A 89 -22.26 -0.15 -9.37
N GLY A 90 -22.28 0.79 -8.42
CA GLY A 90 -23.49 1.12 -7.70
C GLY A 90 -23.43 0.66 -6.27
N PRO A 91 -24.56 0.82 -5.57
CA PRO A 91 -24.54 0.56 -4.13
C PRO A 91 -24.42 -0.93 -3.81
N VAL A 92 -23.57 -1.22 -2.83
CA VAL A 92 -23.30 -2.59 -2.41
C VAL A 92 -23.98 -2.88 -1.07
N THR A 93 -24.77 -3.94 -1.04
CA THR A 93 -25.47 -4.36 0.15
C THR A 93 -24.50 -5.01 1.14
N GLN A 94 -24.73 -4.81 2.43
CA GLN A 94 -23.92 -5.45 3.44
C GLN A 94 -23.89 -6.97 3.30
N MET A 95 -22.72 -7.54 3.58
CA MET A 95 -22.53 -8.98 3.65
C MET A 95 -22.79 -9.50 5.06
N TYR A 96 -22.54 -8.65 6.06
CA TYR A 96 -22.71 -9.02 7.46
C TYR A 96 -23.33 -7.85 8.19
N THR A 97 -24.28 -8.14 9.07
CA THR A 97 -24.91 -7.12 9.88
C THR A 97 -25.23 -7.73 11.24
N ASN A 98 -24.72 -7.11 12.30
CA ASN A 98 -24.98 -7.59 13.66
C ASN A 98 -25.02 -6.44 14.64
N VAL A 99 -26.23 -5.95 14.90
CA VAL A 99 -26.46 -4.85 15.82
C VAL A 99 -25.98 -5.14 17.24
N ASP A 100 -26.06 -6.41 17.65
CA ASP A 100 -25.69 -6.79 19.01
C ASP A 100 -24.19 -6.72 19.21
N LYS A 101 -23.43 -7.03 18.16
CA LYS A 101 -21.97 -6.87 18.20
C LYS A 101 -21.54 -5.47 17.80
N ASP A 102 -22.48 -4.67 17.30
CA ASP A 102 -22.21 -3.33 16.76
C ASP A 102 -21.31 -3.42 15.54
N LEU A 103 -21.60 -4.36 14.66
CA LEU A 103 -20.70 -4.71 13.56
C LEU A 103 -21.45 -4.84 12.25
N VAL A 104 -20.87 -4.24 11.20
CA VAL A 104 -21.30 -4.50 9.84
C VAL A 104 -20.10 -4.65 8.93
N GLY A 105 -20.31 -5.35 7.82
CA GLY A 105 -19.28 -5.46 6.82
C GLY A 105 -19.82 -5.58 5.41
N TRP A 106 -19.04 -5.08 4.47
CA TRP A 106 -19.28 -5.23 3.04
C TRP A 106 -18.06 -5.90 2.41
N GLN A 107 -18.25 -6.50 1.25
CA GLN A 107 -17.14 -7.02 0.48
C GLN A 107 -16.14 -5.88 0.33
N ALA A 108 -14.85 -6.13 0.59
CA ALA A 108 -13.87 -5.07 0.52
C ALA A 108 -13.81 -4.52 -0.91
N PRO A 109 -13.73 -3.18 -1.04
CA PRO A 109 -13.61 -2.56 -2.36
C PRO A 109 -12.45 -3.10 -3.20
N GLN A 110 -12.69 -3.17 -4.50
CA GLN A 110 -11.64 -3.48 -5.44
C GLN A 110 -10.53 -2.46 -5.28
N GLY A 111 -9.30 -2.93 -5.15
CA GLY A 111 -8.14 -2.04 -4.98
C GLY A 111 -7.71 -1.84 -3.54
N SER A 112 -8.58 -2.17 -2.59
CA SER A 112 -8.24 -2.07 -1.17
C SER A 112 -7.34 -3.24 -0.75
N ARG A 113 -6.77 -3.12 0.44
CA ARG A 113 -5.96 -4.19 1.03
C ARG A 113 -6.45 -4.44 2.44
N SER A 114 -6.24 -5.65 2.96
CA SER A 114 -6.69 -6.00 4.29
C SER A 114 -5.52 -6.06 5.25
N LEU A 115 -5.78 -5.66 6.48
CA LEU A 115 -4.85 -5.93 7.58
C LEU A 115 -4.84 -7.42 7.88
N THR A 116 -3.70 -7.90 8.33
CA THR A 116 -3.52 -9.27 8.77
C THR A 116 -3.91 -9.36 10.25
N PRO A 117 -4.76 -10.34 10.63
CA PRO A 117 -5.05 -10.57 12.05
C PRO A 117 -3.79 -10.84 12.87
N CYS A 118 -3.73 -10.28 14.07
CA CYS A 118 -2.59 -10.46 14.96
C CYS A 118 -2.45 -11.90 15.45
N THR A 119 -1.21 -12.39 15.43
CA THR A 119 -0.86 -13.73 15.93
C THR A 119 0.24 -13.70 17.00
N CYS A 120 0.70 -12.53 17.41
CA CYS A 120 1.83 -12.43 18.32
C CYS A 120 1.48 -12.40 19.80
N GLY A 121 0.19 -12.29 20.13
CA GLY A 121 -0.25 -12.28 21.53
C GLY A 121 0.00 -11.02 22.35
N SER A 122 0.44 -9.94 21.71
CA SER A 122 0.78 -8.72 22.45
C SER A 122 -0.44 -8.03 23.05
N SER A 123 -0.27 -7.51 24.26
CA SER A 123 -1.30 -6.70 24.90
CA SER A 123 -1.30 -6.68 24.89
C SER A 123 -0.96 -5.21 24.71
N ASP A 124 0.11 -4.91 23.98
CA ASP A 124 0.50 -3.52 23.70
C ASP A 124 -0.12 -3.07 22.39
N LEU A 125 -1.23 -2.35 22.51
CA LEU A 125 -2.04 -2.03 21.35
C LEU A 125 -1.95 -0.55 20.99
N TYR A 126 -2.39 -0.26 19.77
CA TYR A 126 -2.33 1.06 19.19
C TYR A 126 -3.60 1.35 18.45
N LEU A 127 -4.35 2.33 18.95
CA LEU A 127 -5.62 2.78 18.35
C LEU A 127 -5.32 3.86 17.32
N VAL A 128 -5.79 3.65 16.10
CA VAL A 128 -5.61 4.61 15.00
C VAL A 128 -6.87 5.44 14.86
N THR A 129 -6.74 6.74 15.06
CA THR A 129 -7.89 7.64 14.98
C THR A 129 -8.10 8.20 13.59
N ARG A 130 -9.21 8.90 13.40
CA ARG A 130 -9.55 9.48 12.10
CA ARG A 130 -9.55 9.48 12.10
C ARG A 130 -8.61 10.64 11.72
N HIS A 131 -7.86 11.13 12.69
CA HIS A 131 -6.84 12.16 12.43
C HIS A 131 -5.47 11.55 12.28
N ALA A 132 -5.42 10.22 12.22
CA ALA A 132 -4.18 9.46 12.11
C ALA A 132 -3.30 9.60 13.34
N ASP A 133 -3.90 9.93 14.50
CA ASP A 133 -3.17 9.79 15.76
C ASP A 133 -3.03 8.30 16.04
N VAL A 134 -1.91 7.92 16.63
CA VAL A 134 -1.66 6.53 17.02
C VAL A 134 -1.57 6.56 18.55
N ILE A 135 -2.60 6.02 19.20
CA ILE A 135 -2.79 6.16 20.65
C ILE A 135 -2.54 4.84 21.34
N PRO A 136 -1.58 4.79 22.29
CA PRO A 136 -1.33 3.52 22.99
C PRO A 136 -2.46 3.09 23.91
N VAL A 137 -2.77 1.80 23.86
CA VAL A 137 -3.84 1.19 24.62
C VAL A 137 -3.30 -0.11 25.18
N ARG A 138 -3.46 -0.34 26.48
CA ARG A 138 -3.04 -1.61 27.09
C ARG A 138 -4.22 -2.55 27.15
N ARG A 139 -4.14 -3.71 26.50
CA ARG A 139 -5.27 -4.63 26.50
C ARG A 139 -5.51 -5.13 27.93
N ARG A 140 -6.76 -5.13 28.35
CA ARG A 140 -7.14 -5.56 29.69
C ARG A 140 -8.04 -6.80 29.67
N GLY A 141 -8.67 -7.05 28.55
CA GLY A 141 -9.52 -8.20 28.40
C GLY A 141 -9.83 -8.46 26.94
N ASP A 142 -10.77 -9.37 26.72
CA ASP A 142 -11.21 -9.72 25.38
C ASP A 142 -11.52 -8.51 24.50
N SER A 143 -12.24 -7.54 25.06
CA SER A 143 -12.81 -6.43 24.28
C SER A 143 -12.55 -5.06 24.89
N ARG A 144 -11.57 -4.98 25.80
CA ARG A 144 -11.32 -3.74 26.53
C ARG A 144 -9.84 -3.46 26.64
N GLY A 145 -9.48 -2.19 26.59
CA GLY A 145 -8.12 -1.75 26.84
C GLY A 145 -8.10 -0.40 27.52
N SER A 146 -7.07 -0.13 28.33
CA SER A 146 -6.96 1.14 29.01
C SER A 146 -6.12 2.13 28.21
N LEU A 147 -6.53 3.39 28.23
CA LEU A 147 -5.74 4.44 27.62
C LEU A 147 -4.63 4.78 28.57
N LEU A 148 -3.43 4.96 28.04
CA LEU A 148 -2.30 5.35 28.85
C LEU A 148 -2.43 6.82 29.27
N SER A 149 -3.05 7.62 28.41
CA SER A 149 -3.32 9.03 28.68
C SER A 149 -4.81 9.28 28.50
N PRO A 150 -5.49 9.87 29.50
CA PRO A 150 -6.91 10.18 29.31
C PRO A 150 -7.11 11.19 28.19
N ARG A 151 -8.24 11.09 27.51
CA ARG A 151 -8.61 11.98 26.42
C ARG A 151 -10.06 12.35 26.58
N PRO A 152 -10.45 13.53 26.11
CA PRO A 152 -11.88 13.85 26.06
C PRO A 152 -12.58 12.89 25.12
N ILE A 153 -13.81 12.48 25.45
CA ILE A 153 -14.55 11.60 24.53
C ILE A 153 -14.70 12.23 23.14
N SER A 154 -14.82 13.55 23.09
CA SER A 154 -14.95 14.24 21.80
C SER A 154 -13.77 13.96 20.84
N TYR A 155 -12.60 13.70 21.40
CA TYR A 155 -11.37 13.39 20.63
C TYR A 155 -11.53 12.08 19.88
N LEU A 156 -12.22 11.14 20.48
CA LEU A 156 -12.37 9.81 19.91
C LEU A 156 -13.60 9.68 19.04
N LYS A 157 -14.55 10.60 19.18
CA LYS A 157 -15.74 10.59 18.36
C LYS A 157 -15.34 10.74 16.90
N GLY A 158 -15.87 9.86 16.05
CA GLY A 158 -15.51 9.85 14.65
C GLY A 158 -14.45 8.85 14.30
N SER A 159 -13.94 8.13 15.31
CA SER A 159 -12.94 7.10 15.06
C SER A 159 -13.44 5.66 15.19
N ALA A 160 -14.70 5.48 15.59
CA ALA A 160 -15.27 4.14 15.60
C ALA A 160 -15.19 3.54 14.20
N GLY A 161 -14.89 2.25 14.17
CA GLY A 161 -14.67 1.55 12.92
C GLY A 161 -13.21 1.41 12.56
N GLY A 162 -12.35 2.15 13.26
CA GLY A 162 -10.91 2.07 13.05
C GLY A 162 -10.27 0.92 13.81
N PRO A 163 -9.01 0.63 13.52
CA PRO A 163 -8.37 -0.54 14.09
C PRO A 163 -7.65 -0.28 15.42
N LEU A 164 -7.60 -1.33 16.22
CA LEU A 164 -6.59 -1.49 17.26
C LEU A 164 -5.55 -2.42 16.66
N LEU A 165 -4.29 -1.96 16.64
CA LEU A 165 -3.17 -2.68 16.03
C LEU A 165 -2.20 -3.13 17.13
N CYS A 166 -1.52 -4.25 16.89
CA CYS A 166 -0.45 -4.71 17.78
C CYS A 166 0.82 -4.00 17.35
N PRO A 167 1.92 -4.20 18.08
CA PRO A 167 3.14 -3.47 17.75
C PRO A 167 3.65 -3.75 16.33
N ALA A 168 3.32 -4.90 15.77
CA ALA A 168 3.72 -5.23 14.41
C ALA A 168 2.78 -4.66 13.35
N GLY A 169 1.73 -3.96 13.77
CA GLY A 169 0.77 -3.38 12.84
C GLY A 169 -0.28 -4.33 12.34
N HIS A 170 -0.48 -5.45 13.03
CA HIS A 170 -1.51 -6.41 12.65
C HIS A 170 -2.80 -6.13 13.43
N ALA A 171 -3.94 -6.55 12.90
CA ALA A 171 -5.24 -6.20 13.49
C ALA A 171 -5.61 -7.03 14.71
N VAL A 172 -5.94 -6.34 15.80
CA VAL A 172 -6.39 -6.97 17.05
C VAL A 172 -7.92 -6.79 17.21
N GLY A 173 -8.45 -5.67 16.74
CA GLY A 173 -9.88 -5.43 16.85
C GLY A 173 -10.31 -4.16 16.16
N ILE A 174 -11.62 -3.90 16.22
CA ILE A 174 -12.24 -2.72 15.64
C ILE A 174 -12.73 -1.84 16.79
N PHE A 175 -12.26 -0.60 16.86
CA PHE A 175 -12.69 0.33 17.91
C PHE A 175 -14.16 0.69 17.77
N ARG A 176 -14.90 0.67 18.88
CA ARG A 176 -16.31 1.09 18.80
C ARG A 176 -16.78 2.14 19.80
N ALA A 177 -16.20 2.17 21.00
CA ALA A 177 -16.74 3.00 22.06
C ALA A 177 -15.72 3.23 23.14
N ALA A 178 -15.92 4.27 23.91
CA ALA A 178 -14.98 4.64 24.97
C ALA A 178 -15.67 4.53 26.32
N VAL A 179 -14.93 4.09 27.34
CA VAL A 179 -15.41 4.09 28.72
C VAL A 179 -15.07 5.45 29.25
N SER A 180 -16.09 6.20 29.67
CA SER A 180 -15.93 7.62 29.95
C SER A 180 -16.57 7.96 31.28
N THR A 181 -15.97 8.93 31.97
CA THR A 181 -16.55 9.48 33.18
C THR A 181 -16.41 10.98 33.03
N ARG A 182 -17.54 11.68 33.12
CA ARG A 182 -17.59 13.14 32.98
C ARG A 182 -17.01 13.62 31.65
N GLY A 183 -17.17 12.81 30.61
CA GLY A 183 -16.69 13.18 29.30
C GLY A 183 -15.22 12.96 29.09
N VAL A 184 -14.58 12.29 30.04
CA VAL A 184 -13.17 11.94 29.91
C VAL A 184 -13.06 10.42 29.70
N ALA A 185 -12.46 10.04 28.57
CA ALA A 185 -12.24 8.62 28.26
C ALA A 185 -11.01 8.11 28.96
N LYS A 186 -11.13 6.95 29.60
CA LYS A 186 -10.00 6.27 30.20
C LYS A 186 -9.75 4.86 29.68
N ALA A 187 -10.67 4.32 28.88
CA ALA A 187 -10.53 2.97 28.33
C ALA A 187 -11.33 2.93 27.05
N VAL A 188 -11.06 1.91 26.24
CA VAL A 188 -11.79 1.71 25.00
C VAL A 188 -12.39 0.32 24.93
N ASP A 189 -13.52 0.23 24.25
CA ASP A 189 -14.19 -1.01 23.93
C ASP A 189 -14.03 -1.26 22.44
N PHE A 190 -13.68 -2.50 22.09
CA PHE A 190 -13.44 -2.86 20.72
C PHE A 190 -14.02 -4.25 20.41
N ILE A 191 -14.24 -4.50 19.13
CA ILE A 191 -14.73 -5.79 18.65
C ILE A 191 -13.49 -6.61 18.28
N PRO A 192 -13.22 -7.72 19.00
CA PRO A 192 -11.99 -8.46 18.68
C PRO A 192 -12.03 -9.09 17.31
N VAL A 193 -10.87 -9.23 16.68
CA VAL A 193 -10.81 -9.85 15.37
C VAL A 193 -11.42 -11.25 15.36
N GLU A 194 -11.37 -11.96 16.50
CA GLU A 194 -11.93 -13.31 16.60
C GLU A 194 -13.47 -13.27 16.46
N SER A 195 -14.08 -12.16 16.89
CA SER A 195 -15.51 -11.97 16.72
C SER A 195 -15.89 -11.76 15.24
N LEU A 196 -15.03 -11.08 14.49
CA LEU A 196 -15.23 -10.90 13.05
C LEU A 196 -15.17 -12.24 12.34
N GLU A 197 -14.24 -13.09 12.75
CA GLU A 197 -14.08 -14.40 12.16
C GLU A 197 -15.28 -15.29 12.47
N THR A 198 -15.87 -15.13 13.66
CA THR A 198 -17.07 -15.88 14.00
C THR A 198 -18.26 -15.42 13.13
N THR A 199 -18.38 -14.12 12.93
CA THR A 199 -19.41 -13.59 12.04
C THR A 199 -19.27 -14.14 10.61
N MET A 200 -18.02 -14.30 10.13
CA MET A 200 -17.77 -14.81 8.78
C MET A 200 -18.04 -16.30 8.69
N HIS B 3 16.27 16.77 -42.74
CA HIS B 3 16.95 15.75 -41.88
C HIS B 3 16.73 16.05 -40.40
N MET B 4 16.97 17.29 -39.98
CA MET B 4 16.72 17.71 -38.60
C MET B 4 15.22 17.75 -38.28
N ALA B 5 14.41 18.10 -39.28
CA ALA B 5 12.95 18.11 -39.12
C ALA B 5 12.41 16.73 -38.72
N SER B 6 13.05 15.68 -39.22
CA SER B 6 12.60 14.30 -39.00
C SER B 6 13.27 13.63 -37.80
N MET B 7 14.17 14.34 -37.13
CA MET B 7 14.85 13.81 -35.95
C MET B 7 13.86 13.72 -34.80
N LYS B 8 13.86 12.57 -34.13
CA LYS B 8 13.00 12.33 -32.99
C LYS B 8 13.84 12.05 -31.76
N LYS B 9 13.25 12.29 -30.60
CA LYS B 9 13.90 11.99 -29.33
C LYS B 9 13.52 10.59 -28.91
N LYS B 10 14.39 9.93 -28.15
CA LYS B 10 13.99 8.68 -27.51
C LYS B 10 12.91 9.05 -26.50
N GLY B 11 11.88 8.24 -26.44
CA GLY B 11 10.75 8.48 -25.55
C GLY B 11 11.06 8.25 -24.07
N SER B 12 10.06 8.53 -23.25
CA SER B 12 10.18 8.33 -21.81
C SER B 12 10.02 6.86 -21.44
N VAL B 13 10.57 6.53 -20.29
CA VAL B 13 10.19 5.33 -19.57
C VAL B 13 8.73 5.47 -19.14
N VAL B 14 7.98 4.38 -19.26
CA VAL B 14 6.56 4.36 -18.89
C VAL B 14 6.29 3.26 -17.86
N ILE B 15 5.61 3.62 -16.78
CA ILE B 15 5.13 2.62 -15.81
C ILE B 15 3.96 1.82 -16.42
N VAL B 16 4.12 0.50 -16.46
CA VAL B 16 3.11 -0.39 -17.08
C VAL B 16 2.54 -1.39 -16.09
N GLY B 17 2.98 -1.34 -14.85
CA GLY B 17 2.47 -2.24 -13.84
C GLY B 17 3.21 -2.08 -12.53
N ARG B 18 2.90 -2.95 -11.58
CA ARG B 18 3.54 -2.89 -10.27
C ARG B 18 3.63 -4.28 -9.67
N ILE B 19 4.56 -4.46 -8.75
CA ILE B 19 4.68 -5.72 -8.04
C ILE B 19 4.11 -5.43 -6.66
N ASN B 20 2.96 -6.03 -6.37
CA ASN B 20 2.31 -5.86 -5.10
C ASN B 20 2.97 -6.78 -4.08
N LEU B 21 3.53 -6.19 -3.03
CA LEU B 21 4.16 -6.90 -1.93
C LEU B 21 3.49 -6.47 -0.62
N SER B 22 2.27 -6.95 -0.40
CA SER B 22 1.55 -6.62 0.83
C SER B 22 0.14 -7.20 0.83
N GLY B 23 -0.29 -7.86 1.91
CA GLY B 23 0.54 -8.11 3.09
C GLY B 23 1.37 -9.37 2.91
N ASP B 24 0.67 -10.50 2.83
CA ASP B 24 1.29 -11.83 2.80
C ASP B 24 1.36 -12.46 1.41
N THR B 25 0.88 -11.75 0.38
CA THR B 25 0.88 -12.27 -0.98
C THR B 25 1.56 -11.30 -1.94
N ALA B 26 2.42 -11.83 -2.80
CA ALA B 26 3.09 -11.05 -3.83
C ALA B 26 2.51 -11.37 -5.21
N TYR B 27 2.19 -10.35 -6.00
CA TYR B 27 1.69 -10.58 -7.35
C TYR B 27 1.93 -9.38 -8.27
N ALA B 28 2.08 -9.66 -9.56
CA ALA B 28 2.26 -8.64 -10.59
C ALA B 28 0.87 -8.12 -11.03
N GLN B 29 0.77 -6.81 -11.21
CA GLN B 29 -0.45 -6.21 -11.73
C GLN B 29 -0.07 -5.39 -12.94
N GLN B 30 -0.73 -5.62 -14.07
CA GLN B 30 -0.55 -4.75 -15.22
C GLN B 30 -1.49 -3.57 -15.14
N THR B 31 -0.96 -2.37 -15.38
CA THR B 31 -1.76 -1.15 -15.35
C THR B 31 -1.89 -0.46 -16.71
N ARG B 32 -1.07 -0.85 -17.67
CA ARG B 32 -1.13 -0.31 -19.01
C ARG B 32 -0.74 -1.38 -20.02
N GLY B 33 -1.58 -1.53 -21.05
CA GLY B 33 -1.26 -2.46 -22.14
C GLY B 33 -0.32 -1.81 -23.12
N GLU B 34 0.06 -2.55 -24.15
CA GLU B 34 1.07 -2.14 -25.12
C GLU B 34 0.68 -0.88 -25.89
N GLU B 35 -0.53 -0.87 -26.42
CA GLU B 35 -1.05 0.31 -27.13
C GLU B 35 -0.97 1.60 -26.29
N GLY B 36 -1.31 1.50 -25.00
CA GLY B 36 -1.22 2.63 -24.06
C GLY B 36 0.19 3.07 -23.71
N CYS B 37 1.12 2.13 -23.74
CA CYS B 37 2.52 2.41 -23.38
C CYS B 37 3.23 3.30 -24.44
N GLN B 38 2.81 3.19 -25.70
CA GLN B 38 3.53 3.80 -26.85
C GLN B 38 3.45 5.33 -27.03
N GLU B 39 2.26 5.92 -27.08
CA GLU B 39 2.12 7.38 -27.24
C GLU B 39 2.47 8.08 -25.93
N THR B 40 2.26 7.38 -24.81
CA THR B 40 2.62 7.88 -23.48
C THR B 40 4.12 8.09 -23.38
N SER B 41 4.90 7.20 -23.99
CA SER B 41 6.35 7.35 -24.04
C SER B 41 6.75 8.60 -24.84
N GLN B 42 6.03 8.86 -25.94
CA GLN B 42 6.36 10.02 -26.78
C GLN B 42 6.05 11.35 -26.09
N THR B 43 4.85 11.46 -25.52
CA THR B 43 4.43 12.70 -24.86
C THR B 43 5.05 12.83 -23.49
N GLY B 44 5.30 11.70 -22.83
CA GLY B 44 5.80 11.70 -21.46
C GLY B 44 4.73 12.04 -20.44
N ARG B 45 3.48 11.92 -20.86
CA ARG B 45 2.34 12.29 -20.03
CA ARG B 45 2.33 12.30 -20.04
C ARG B 45 1.53 11.05 -19.64
N ASP B 46 1.58 10.71 -18.35
CA ASP B 46 0.93 9.54 -17.80
C ASP B 46 0.16 9.95 -16.55
N LYS B 47 -1.16 9.96 -16.61
CA LYS B 47 -1.97 10.35 -15.46
C LYS B 47 -2.48 9.14 -14.64
N ASN B 48 -1.98 7.95 -14.94
CA ASN B 48 -2.38 6.76 -14.18
C ASN B 48 -1.94 6.89 -12.73
N GLN B 49 -2.78 6.37 -11.84
CA GLN B 49 -2.46 6.31 -10.42
C GLN B 49 -1.29 5.36 -10.20
N VAL B 50 -0.36 5.76 -9.34
CA VAL B 50 0.78 4.91 -8.97
C VAL B 50 0.62 4.47 -7.53
N GLU B 51 0.95 3.21 -7.26
CA GLU B 51 0.96 2.67 -5.91
C GLU B 51 2.16 1.74 -5.80
N GLY B 52 2.59 1.53 -4.57
CA GLY B 52 3.55 0.49 -4.30
C GLY B 52 4.98 0.91 -4.39
N GLU B 53 5.86 -0.03 -4.08
CA GLU B 53 7.29 0.21 -3.98
C GLU B 53 8.02 -0.15 -5.27
N VAL B 54 7.53 -1.19 -5.94
CA VAL B 54 8.17 -1.75 -7.13
C VAL B 54 7.29 -1.55 -8.33
N GLN B 55 7.81 -0.85 -9.34
CA GLN B 55 7.08 -0.56 -10.56
C GLN B 55 7.65 -1.44 -11.67
N ILE B 56 6.78 -1.87 -12.58
CA ILE B 56 7.19 -2.52 -13.80
C ILE B 56 7.21 -1.40 -14.84
N VAL B 57 8.34 -1.24 -15.55
CA VAL B 57 8.51 -0.10 -16.46
C VAL B 57 8.94 -0.60 -17.85
N SER B 58 8.66 0.20 -18.87
CA SER B 58 8.95 -0.16 -20.25
CA SER B 58 9.02 -0.16 -20.23
C SER B 58 9.51 1.02 -21.04
N THR B 59 10.41 0.71 -21.96
CA THR B 59 10.80 1.59 -23.04
C THR B 59 10.29 0.90 -24.32
N ALA B 60 10.64 1.46 -25.49
CA ALA B 60 10.27 0.85 -26.77
C ALA B 60 10.94 -0.51 -26.98
N THR B 61 12.07 -0.73 -26.33
CA THR B 61 12.88 -1.91 -26.58
C THR B 61 13.07 -2.86 -25.39
N GLN B 62 12.71 -2.43 -24.18
CA GLN B 62 12.95 -3.22 -22.98
C GLN B 62 11.82 -3.06 -21.97
N THR B 63 11.59 -4.10 -21.18
CA THR B 63 10.77 -3.97 -19.98
C THR B 63 11.60 -4.47 -18.81
N PHE B 64 11.45 -3.81 -17.67
CA PHE B 64 12.27 -4.07 -16.51
C PHE B 64 11.54 -3.50 -15.28
N LEU B 65 12.23 -3.36 -14.15
CA LEU B 65 11.63 -2.94 -12.89
C LEU B 65 12.28 -1.67 -12.38
N ALA B 66 11.58 -0.99 -11.47
CA ALA B 66 12.13 0.14 -10.74
C ALA B 66 11.65 0.09 -9.30
N THR B 67 12.50 0.49 -8.37
CA THR B 67 12.20 0.33 -6.96
C THR B 67 12.38 1.64 -6.22
N SER B 68 11.38 2.01 -5.41
CA SER B 68 11.46 3.24 -4.62
CA SER B 68 11.45 3.23 -4.61
C SER B 68 12.14 2.96 -3.28
N ILE B 69 13.20 3.73 -3.00
CA ILE B 69 13.93 3.67 -1.74
C ILE B 69 14.30 5.12 -1.38
N ASN B 70 14.07 5.56 -0.13
CA ASN B 70 14.46 6.92 0.28
C ASN B 70 13.78 8.03 -0.54
N GLY B 71 12.56 7.78 -1.03
CA GLY B 71 11.82 8.76 -1.86
C GLY B 71 12.30 8.95 -3.29
N VAL B 72 13.14 8.04 -3.76
CA VAL B 72 13.64 8.07 -5.14
C VAL B 72 13.28 6.74 -5.78
N LEU B 73 12.76 6.81 -7.00
CA LEU B 73 12.50 5.61 -7.80
C LEU B 73 13.77 5.28 -8.60
N TRP B 74 14.42 4.16 -8.25
CA TRP B 74 15.68 3.75 -8.81
C TRP B 74 15.50 2.66 -9.84
N THR B 75 16.37 2.67 -10.84
CA THR B 75 16.44 1.56 -11.77
C THR B 75 17.83 1.50 -12.36
N VAL B 76 18.01 0.59 -13.31
CA VAL B 76 19.30 0.38 -13.95
C VAL B 76 19.48 1.29 -15.17
N TYR B 77 20.69 1.83 -15.30
CA TYR B 77 21.05 2.62 -16.47
C TYR B 77 20.94 1.80 -17.75
N HIS B 78 21.30 0.52 -17.69
CA HIS B 78 21.27 -0.30 -18.90
C HIS B 78 19.87 -0.52 -19.46
N GLY B 79 18.87 -0.24 -18.63
CA GLY B 79 17.50 -0.21 -19.08
C GLY B 79 16.97 1.16 -19.43
N ALA B 80 17.13 2.12 -18.51
CA ALA B 80 16.55 3.46 -18.68
C ALA B 80 17.43 4.43 -19.47
N GLY B 81 18.73 4.21 -19.49
CA GLY B 81 19.65 5.20 -20.04
C GLY B 81 19.41 6.53 -19.36
N THR B 82 19.40 7.61 -20.15
CA THR B 82 19.16 8.96 -19.65
C THR B 82 17.70 9.42 -19.78
N ARG B 83 16.80 8.47 -20.01
CA ARG B 83 15.40 8.82 -20.29
C ARG B 83 14.66 9.50 -19.13
N THR B 84 13.79 10.44 -19.49
CA THR B 84 12.76 10.90 -18.59
C THR B 84 11.76 9.78 -18.29
N ILE B 85 10.97 9.98 -17.24
CA ILE B 85 9.86 9.08 -16.92
C ILE B 85 8.56 9.84 -17.12
N ALA B 86 7.59 9.17 -17.73
CA ALA B 86 6.29 9.76 -17.97
C ALA B 86 5.56 9.97 -16.63
N SER B 87 4.87 11.10 -16.50
CA SER B 87 4.21 11.42 -15.24
C SER B 87 3.01 12.31 -15.54
N PRO B 88 2.18 12.60 -14.54
CA PRO B 88 0.94 13.35 -14.78
C PRO B 88 1.10 14.74 -15.41
N LYS B 89 2.17 15.45 -15.07
CA LYS B 89 2.39 16.81 -15.57
C LYS B 89 3.38 16.84 -16.72
N GLY B 90 3.82 15.66 -17.17
CA GLY B 90 4.75 15.56 -18.27
C GLY B 90 6.00 14.81 -17.89
N PRO B 91 6.97 14.78 -18.81
CA PRO B 91 8.18 13.99 -18.59
C PRO B 91 9.07 14.54 -17.46
N VAL B 92 9.52 13.65 -16.60
CA VAL B 92 10.33 14.02 -15.44
C VAL B 92 11.77 13.61 -15.69
N THR B 93 12.66 14.58 -15.62
CA THR B 93 14.09 14.37 -15.79
C THR B 93 14.68 13.62 -14.60
N GLN B 94 15.63 12.76 -14.88
CA GLN B 94 16.34 12.06 -13.82
C GLN B 94 16.97 13.01 -12.80
N MET B 95 16.91 12.63 -11.52
CA MET B 95 17.60 13.37 -10.49
C MET B 95 18.96 12.79 -10.15
N TYR B 96 19.17 11.51 -10.47
CA TYR B 96 20.50 10.88 -10.35
C TYR B 96 20.76 9.99 -11.57
N THR B 97 21.99 10.02 -12.07
CA THR B 97 22.41 9.21 -13.20
C THR B 97 23.87 8.82 -12.97
N ASN B 98 24.14 7.50 -12.98
CA ASN B 98 25.51 7.04 -12.81
C ASN B 98 25.75 5.76 -13.58
N VAL B 99 26.21 5.92 -14.82
CA VAL B 99 26.46 4.80 -15.71
C VAL B 99 27.47 3.84 -15.10
N ASP B 100 28.42 4.36 -14.33
CA ASP B 100 29.48 3.53 -13.73
C ASP B 100 28.92 2.53 -12.71
N LYS B 101 27.86 2.92 -11.99
CA LYS B 101 27.21 2.05 -11.04
C LYS B 101 26.01 1.33 -11.64
N ASP B 102 25.69 1.64 -12.92
CA ASP B 102 24.50 1.14 -13.62
C ASP B 102 23.22 1.58 -12.91
N LEU B 103 23.16 2.86 -12.53
CA LEU B 103 22.11 3.34 -11.64
C LEU B 103 21.52 4.66 -12.13
N VAL B 104 20.20 4.75 -12.10
CA VAL B 104 19.52 6.01 -12.34
C VAL B 104 18.38 6.13 -11.36
N GLY B 105 17.99 7.37 -11.08
CA GLY B 105 16.91 7.61 -10.17
C GLY B 105 16.11 8.82 -10.58
N TRP B 106 14.79 8.75 -10.36
CA TRP B 106 13.89 9.90 -10.48
C TRP B 106 13.21 10.15 -9.13
N GLN B 107 12.78 11.38 -8.88
CA GLN B 107 11.93 11.63 -7.73
C GLN B 107 10.77 10.64 -7.74
N ALA B 108 10.49 10.00 -6.61
CA ALA B 108 9.46 8.95 -6.58
C ALA B 108 8.11 9.53 -6.97
N PRO B 109 7.36 8.83 -7.84
CA PRO B 109 6.06 9.36 -8.25
C PRO B 109 5.08 9.51 -7.07
N GLN B 110 4.18 10.48 -7.17
CA GLN B 110 3.11 10.66 -6.19
C GLN B 110 2.30 9.36 -6.13
N GLY B 111 2.03 8.86 -4.92
CA GLY B 111 1.29 7.61 -4.72
C GLY B 111 2.19 6.42 -4.41
N SER B 112 3.43 6.48 -4.86
CA SER B 112 4.38 5.43 -4.56
C SER B 112 4.75 5.43 -3.08
N ARG B 113 5.30 4.31 -2.65
CA ARG B 113 5.85 4.18 -1.31
C ARG B 113 7.25 3.68 -1.44
N SER B 114 8.10 3.99 -0.46
CA SER B 114 9.49 3.58 -0.51
C SER B 114 9.79 2.46 0.48
N LEU B 115 10.65 1.54 0.06
CA LEU B 115 11.28 0.60 0.96
C LEU B 115 12.31 1.33 1.83
N THR B 116 12.64 0.73 2.97
CA THR B 116 13.63 1.25 3.91
C THR B 116 14.96 0.54 3.68
N PRO B 117 16.08 1.30 3.66
CA PRO B 117 17.38 0.64 3.54
C PRO B 117 17.67 -0.25 4.74
N CYS B 118 18.21 -1.43 4.45
CA CYS B 118 18.44 -2.45 5.45
C CYS B 118 19.73 -2.18 6.24
N THR B 119 19.64 -2.32 7.56
CA THR B 119 20.83 -2.30 8.41
C THR B 119 20.91 -3.55 9.32
N CYS B 120 20.23 -4.63 8.88
CA CYS B 120 20.17 -5.92 9.58
C CYS B 120 21.44 -6.76 9.46
N GLY B 121 22.26 -6.50 8.44
CA GLY B 121 23.45 -7.32 8.17
C GLY B 121 23.13 -8.79 7.88
N SER B 122 22.03 -9.03 7.18
CA SER B 122 21.55 -10.39 6.94
CA SER B 122 21.53 -10.38 6.93
C SER B 122 22.33 -11.10 5.85
N SER B 123 22.52 -12.40 6.04
CA SER B 123 23.06 -13.28 5.00
C SER B 123 21.93 -13.74 4.07
N ASP B 124 20.70 -13.79 4.60
CA ASP B 124 19.54 -14.29 3.83
C ASP B 124 18.83 -13.15 3.13
N LEU B 125 18.81 -13.22 1.81
CA LEU B 125 18.15 -12.21 0.99
C LEU B 125 17.08 -12.85 0.11
N TYR B 126 16.23 -12.00 -0.44
CA TYR B 126 15.11 -12.40 -1.26
C TYR B 126 15.04 -11.48 -2.47
N LEU B 127 15.17 -12.06 -3.66
CA LEU B 127 15.09 -11.30 -4.92
C LEU B 127 13.67 -11.36 -5.45
N VAL B 128 13.10 -10.21 -5.78
CA VAL B 128 11.72 -10.16 -6.29
C VAL B 128 11.76 -9.98 -7.81
N THR B 129 11.19 -10.92 -8.54
CA THR B 129 11.22 -10.83 -10.01
C THR B 129 10.02 -10.07 -10.56
N ARG B 130 10.08 -9.76 -11.86
CA ARG B 130 8.98 -9.05 -12.53
C ARG B 130 7.67 -9.86 -12.58
N HIS B 131 7.73 -11.15 -12.29
CA HIS B 131 6.54 -11.98 -12.20
C HIS B 131 6.13 -12.18 -10.74
N ALA B 132 6.76 -11.43 -9.84
CA ALA B 132 6.51 -11.50 -8.41
C ALA B 132 6.90 -12.84 -7.77
N ASP B 133 7.84 -13.54 -8.40
CA ASP B 133 8.49 -14.67 -7.74
C ASP B 133 9.39 -14.08 -6.65
N VAL B 134 9.45 -14.75 -5.50
CA VAL B 134 10.35 -14.36 -4.42
C VAL B 134 11.38 -15.46 -4.30
N ILE B 135 12.62 -15.16 -4.69
CA ILE B 135 13.65 -16.19 -4.78
C ILE B 135 14.75 -15.97 -3.74
N PRO B 136 15.04 -17.00 -2.94
CA PRO B 136 16.08 -16.85 -1.92
C PRO B 136 17.51 -16.73 -2.48
N VAL B 137 18.29 -15.87 -1.84
CA VAL B 137 19.65 -15.56 -2.23
C VAL B 137 20.48 -15.51 -0.95
N ARG B 138 21.71 -15.98 -1.01
CA ARG B 138 22.64 -15.90 0.13
C ARG B 138 23.72 -14.89 -0.19
N ARG B 139 23.83 -13.85 0.64
CA ARG B 139 24.80 -12.79 0.36
C ARG B 139 26.21 -13.35 0.47
N ARG B 140 27.08 -12.97 -0.46
CA ARG B 140 28.48 -13.37 -0.37
C ARG B 140 29.49 -12.24 -0.54
N GLY B 141 29.00 -11.00 -0.58
CA GLY B 141 29.88 -9.84 -0.67
C GLY B 141 29.10 -8.55 -0.79
N ASP B 142 29.83 -7.45 -1.07
CA ASP B 142 29.24 -6.12 -1.21
C ASP B 142 28.09 -6.14 -2.22
N SER B 143 28.30 -6.83 -3.34
CA SER B 143 27.41 -6.70 -4.49
C SER B 143 27.04 -8.03 -5.12
N ARG B 144 27.25 -9.15 -4.41
CA ARG B 144 27.00 -10.46 -5.00
C ARG B 144 26.25 -11.35 -4.02
N GLY B 145 25.38 -12.20 -4.57
CA GLY B 145 24.75 -13.22 -3.76
C GLY B 145 24.57 -14.50 -4.56
N SER B 146 24.58 -15.64 -3.87
CA SER B 146 24.33 -16.93 -4.51
C SER B 146 22.85 -17.25 -4.53
N LEU B 147 22.36 -17.78 -5.65
CA LEU B 147 21.01 -18.36 -5.67
C LEU B 147 21.02 -19.71 -4.95
N LEU B 148 19.99 -19.95 -4.14
CA LEU B 148 19.87 -21.24 -3.45
C LEU B 148 19.53 -22.36 -4.43
N SER B 149 18.74 -22.03 -5.45
CA SER B 149 18.38 -22.97 -6.51
C SER B 149 18.79 -22.39 -7.86
N PRO B 150 19.57 -23.14 -8.66
CA PRO B 150 19.94 -22.71 -10.02
C PRO B 150 18.73 -22.37 -10.90
N ARG B 151 18.83 -21.28 -11.67
CA ARG B 151 17.79 -20.89 -12.62
C ARG B 151 18.44 -20.59 -13.97
N PRO B 152 17.70 -20.77 -15.06
CA PRO B 152 18.21 -20.27 -16.34
C PRO B 152 18.29 -18.75 -16.28
N ILE B 153 19.27 -18.15 -16.93
CA ILE B 153 19.35 -16.68 -16.92
C ILE B 153 18.10 -16.03 -17.53
N SER B 154 17.42 -16.73 -18.44
CA SER B 154 16.18 -16.22 -19.02
C SER B 154 15.13 -15.90 -17.95
N TYR B 155 15.14 -16.65 -16.85
CA TYR B 155 14.19 -16.46 -15.76
C TYR B 155 14.29 -15.07 -15.14
N LEU B 156 15.51 -14.52 -15.14
CA LEU B 156 15.83 -13.24 -14.49
C LEU B 156 15.78 -12.05 -15.45
N LYS B 157 15.74 -12.31 -16.75
CA LYS B 157 15.61 -11.26 -17.75
C LYS B 157 14.34 -10.45 -17.51
N GLY B 158 14.48 -9.14 -17.50
CA GLY B 158 13.36 -8.23 -17.26
C GLY B 158 13.11 -7.92 -15.79
N SER B 159 13.97 -8.43 -14.91
CA SER B 159 13.84 -8.14 -13.46
C SER B 159 14.89 -7.17 -12.94
N ALA B 160 15.83 -6.75 -13.80
CA ALA B 160 16.78 -5.73 -13.36
C ALA B 160 16.02 -4.48 -12.92
N GLY B 161 16.54 -3.86 -11.86
CA GLY B 161 15.92 -2.70 -11.26
C GLY B 161 15.02 -3.05 -10.08
N GLY B 162 14.76 -4.35 -9.89
CA GLY B 162 13.94 -4.82 -8.77
C GLY B 162 14.77 -4.99 -7.52
N PRO B 163 14.11 -5.26 -6.38
CA PRO B 163 14.78 -5.27 -5.10
C PRO B 163 15.37 -6.61 -4.68
N LEU B 164 16.48 -6.53 -3.96
CA LEU B 164 16.93 -7.59 -3.07
C LEU B 164 16.51 -7.15 -1.67
N LEU B 165 15.75 -7.99 -0.99
CA LEU B 165 15.20 -7.66 0.31
C LEU B 165 15.78 -8.59 1.37
N CYS B 166 15.79 -8.10 2.59
CA CYS B 166 16.21 -8.91 3.74
C CYS B 166 14.98 -9.59 4.27
N PRO B 167 15.14 -10.49 5.26
CA PRO B 167 13.94 -11.21 5.69
C PRO B 167 12.79 -10.35 6.21
N ALA B 168 13.09 -9.17 6.74
CA ALA B 168 12.06 -8.26 7.22
C ALA B 168 11.48 -7.33 6.13
N GLY B 169 12.00 -7.43 4.91
CA GLY B 169 11.44 -6.66 3.79
C GLY B 169 12.07 -5.30 3.60
N HIS B 170 13.27 -5.11 4.15
CA HIS B 170 14.05 -3.91 3.88
C HIS B 170 14.84 -4.07 2.59
N ALA B 171 15.19 -2.95 1.97
CA ALA B 171 15.99 -2.95 0.75
C ALA B 171 17.49 -3.12 1.04
N VAL B 172 18.07 -4.18 0.49
CA VAL B 172 19.50 -4.41 0.59
C VAL B 172 20.21 -3.94 -0.67
N GLY B 173 19.53 -3.99 -1.81
CA GLY B 173 20.10 -3.52 -3.04
C GLY B 173 19.11 -3.60 -4.19
N ILE B 174 19.59 -3.22 -5.37
CA ILE B 174 18.86 -3.29 -6.62
C ILE B 174 19.53 -4.33 -7.53
N PHE B 175 18.74 -5.30 -7.96
CA PHE B 175 19.22 -6.36 -8.84
C PHE B 175 19.63 -5.76 -10.18
N ARG B 176 20.79 -6.14 -10.71
CA ARG B 176 21.17 -5.65 -12.02
C ARG B 176 21.61 -6.70 -13.03
N ALA B 177 22.21 -7.79 -12.58
CA ALA B 177 22.77 -8.76 -13.55
C ALA B 177 22.92 -10.15 -12.94
N ALA B 178 22.88 -11.16 -13.80
CA ALA B 178 23.03 -12.54 -13.36
C ALA B 178 24.44 -12.99 -13.71
N VAL B 179 25.00 -13.80 -12.82
CA VAL B 179 26.31 -14.40 -13.00
C VAL B 179 26.03 -15.77 -13.64
N SER B 180 26.36 -15.90 -14.92
CA SER B 180 25.92 -17.04 -15.76
C SER B 180 27.07 -17.96 -16.10
N THR B 181 26.86 -19.26 -15.96
CA THR B 181 27.77 -20.25 -16.54
C THR B 181 26.93 -21.14 -17.43
N ARG B 182 27.23 -21.08 -18.72
CA ARG B 182 26.52 -21.82 -19.76
C ARG B 182 25.01 -21.60 -19.71
N GLY B 183 24.62 -20.35 -19.44
CA GLY B 183 23.22 -19.95 -19.42
C GLY B 183 22.48 -20.28 -18.14
N VAL B 184 23.18 -20.80 -17.13
CA VAL B 184 22.56 -21.09 -15.84
C VAL B 184 23.06 -20.09 -14.80
N ALA B 185 22.13 -19.38 -14.19
CA ALA B 185 22.46 -18.43 -13.13
C ALA B 185 22.63 -19.15 -11.80
N LYS B 186 23.81 -19.00 -11.21
CA LYS B 186 24.09 -19.50 -9.87
C LYS B 186 24.23 -18.38 -8.86
N ALA B 187 24.33 -17.14 -9.33
CA ALA B 187 24.52 -15.98 -8.48
C ALA B 187 23.97 -14.73 -9.15
N VAL B 188 23.83 -13.67 -8.36
CA VAL B 188 23.35 -12.41 -8.86
C VAL B 188 24.24 -11.25 -8.43
N ASP B 189 24.29 -10.23 -9.28
CA ASP B 189 25.02 -9.00 -9.02
C ASP B 189 23.99 -7.92 -8.74
N PHE B 190 24.20 -7.17 -7.66
CA PHE B 190 23.27 -6.11 -7.31
C PHE B 190 23.99 -4.84 -6.90
N ILE B 191 23.25 -3.74 -6.89
CA ILE B 191 23.75 -2.42 -6.52
C ILE B 191 23.37 -2.26 -5.04
N PRO B 192 24.36 -2.25 -4.12
CA PRO B 192 23.95 -2.20 -2.71
C PRO B 192 23.39 -0.82 -2.35
N VAL B 193 22.53 -0.76 -1.34
CA VAL B 193 21.95 0.52 -0.90
C VAL B 193 23.00 1.59 -0.54
N GLU B 194 24.19 1.17 -0.09
CA GLU B 194 25.29 2.11 0.11
C GLU B 194 25.61 2.94 -1.13
N SER B 195 25.50 2.36 -2.32
CA SER B 195 25.81 3.07 -3.57
C SER B 195 24.74 4.10 -3.92
N LEU B 196 23.52 3.87 -3.44
CA LEU B 196 22.43 4.79 -3.65
C LEU B 196 22.68 6.02 -2.77
N GLU B 197 23.24 5.80 -1.58
CA GLU B 197 23.67 6.89 -0.69
C GLU B 197 24.77 7.76 -1.29
N THR B 198 25.81 7.14 -1.83
CA THR B 198 26.96 7.90 -2.36
C THR B 198 26.65 8.56 -3.72
N THR B 199 25.70 8.00 -4.46
CA THR B 199 25.21 8.66 -5.67
C THR B 199 24.45 9.95 -5.33
N MET B 200 23.69 9.92 -4.24
CA MET B 200 22.92 11.09 -3.81
C MET B 200 23.82 12.11 -3.10
N THR C 2 -19.74 7.94 37.50
CA THR C 2 -20.48 6.85 36.88
C THR C 2 -19.86 6.54 35.54
N GLU C 3 -19.25 5.36 35.41
CA GLU C 3 -18.62 4.96 34.13
C GLU C 3 -19.72 4.59 33.14
N ASP C 4 -19.54 4.99 31.90
CA ASP C 4 -20.45 4.55 30.86
C ASP C 4 -19.69 4.34 29.58
N VAL C 5 -20.23 3.48 28.74
CA VAL C 5 -19.63 3.17 27.44
C VAL C 5 -20.31 4.05 26.41
N VAL C 6 -19.53 4.91 25.75
CA VAL C 6 -20.04 5.92 24.83
C VAL C 6 -19.59 5.59 23.40
N CYS C 7 -20.56 5.39 22.52
CA CYS C 7 -20.30 5.06 21.13
C CYS C 7 -19.52 6.16 20.46
N CYS C 8 -18.50 5.80 19.68
CA CYS C 8 -17.63 6.80 19.05
C CYS C 8 -17.75 6.84 17.53
N THR D 2 32.64 -20.99 -18.87
CA THR D 2 33.16 -19.64 -18.63
C THR D 2 32.06 -18.73 -18.07
N GLU D 3 32.44 -17.86 -17.14
CA GLU D 3 31.49 -16.95 -16.50
C GLU D 3 31.34 -15.63 -17.26
N ASP D 4 30.10 -15.14 -17.27
CA ASP D 4 29.77 -13.86 -17.89
C ASP D 4 28.72 -13.22 -16.98
N VAL D 5 28.85 -11.93 -16.74
CA VAL D 5 27.87 -11.20 -15.93
C VAL D 5 26.89 -10.56 -16.88
N VAL D 6 25.66 -11.10 -16.94
CA VAL D 6 24.70 -10.74 -17.96
C VAL D 6 23.65 -9.76 -17.39
N CYS D 7 23.54 -8.59 -18.01
CA CYS D 7 22.56 -7.59 -17.60
C CYS D 7 21.14 -8.11 -17.75
N CYS D 8 20.29 -7.85 -16.77
CA CYS D 8 18.91 -8.38 -16.79
C CYS D 8 17.85 -7.30 -16.96
#